data_1S3F
#
_entry.id   1S3F
#
_cell.length_a   79.582
_cell.length_b   79.582
_cell.length_c   185.727
_cell.angle_alpha   90.00
_cell.angle_beta   90.00
_cell.angle_gamma   90.00
#
_symmetry.space_group_name_H-M   'P 43 21 2'
#
loop_
_entity.id
_entity.type
_entity.pdbx_description
1 polymer 'purine trans deoxyribosylase'
2 non-polymer 9-(3,4-DIHYDROXY-5-HYDROXYMETHYL-TETRAHYDRO-FURAN-2-YL)-1,9-DIHYDRO-PURINE-6-THIONE
3 water water
#
_entity_poly.entity_id   1
_entity_poly.type   'polypeptide(L)'
_entity_poly.pdbx_seq_one_letter_code
;MKAVVPTGKIYLGSPFYSDAQRERAAKAKELLAKNPSIAHVFFPFDDGFTDPDEKNPEIGGIRSMVWRDATYQNDLTGIS
NATCGVFLYDMDQLDDGSAFEIGFMRAMHKPVILVPFTEHPEKEKKMNLMIAQGVTTIIDGNTEFEKLADYNFNECPSNP
VRGYGIY
;
_entity_poly.pdbx_strand_id   A,B,C
#
loop_
_chem_comp.id
_chem_comp.type
_chem_comp.name
_chem_comp.formula
SNI non-polymer 9-(3,4-DIHYDROXY-5-HYDROXYMETHYL-TETRAHYDRO-FURAN-2-YL)-1,9-DIHYDRO-PURINE-6-THIONE 'C10 H12 N4 O4 Se'
#
# COMPACT_ATOMS: atom_id res chain seq x y z
N MET A 1 11.98 14.24 -4.17
CA MET A 1 12.03 13.28 -3.01
C MET A 1 11.38 13.89 -1.78
N LYS A 2 11.25 15.22 -1.76
CA LYS A 2 10.64 15.91 -0.64
C LYS A 2 9.12 15.76 -0.69
N ALA A 3 8.57 15.07 0.30
CA ALA A 3 7.13 14.83 0.35
C ALA A 3 6.34 16.13 0.41
N VAL A 4 5.22 16.14 -0.29
CA VAL A 4 4.36 17.31 -0.32
C VAL A 4 3.51 17.26 0.94
N VAL A 5 3.34 16.05 1.46
CA VAL A 5 2.57 15.80 2.67
C VAL A 5 3.17 14.56 3.32
N PRO A 6 3.01 14.41 4.64
CA PRO A 6 3.59 13.21 5.27
C PRO A 6 2.94 11.96 4.70
N THR A 7 3.73 10.92 4.47
CA THR A 7 3.19 9.66 3.92
C THR A 7 3.56 8.46 4.79
N GLY A 8 4.39 8.69 5.81
CA GLY A 8 4.80 7.60 6.67
C GLY A 8 3.66 7.08 7.55
N LYS A 9 3.22 5.86 7.29
CA LYS A 9 2.16 5.25 8.07
C LYS A 9 2.83 4.14 8.86
N ILE A 10 2.97 4.38 10.15
CA ILE A 10 3.65 3.48 11.06
C ILE A 10 2.83 2.42 11.79
N TYR A 11 3.39 1.21 11.82
CA TYR A 11 2.78 0.14 12.57
C TYR A 11 3.77 -0.03 13.72
N LEU A 12 3.41 0.45 14.90
CA LEU A 12 4.30 0.35 16.05
C LEU A 12 4.05 -0.96 16.79
N GLY A 13 4.94 -1.92 16.58
CA GLY A 13 4.82 -3.22 17.23
C GLY A 13 5.66 -3.28 18.49
N SER A 14 5.12 -3.89 19.54
CA SER A 14 5.87 -3.97 20.79
C SER A 14 5.15 -4.74 21.88
N PRO A 15 5.92 -5.37 22.78
CA PRO A 15 5.31 -6.12 23.88
C PRO A 15 4.67 -5.07 24.79
N PHE A 16 3.75 -5.49 25.66
CA PHE A 16 3.09 -4.52 26.54
C PHE A 16 2.80 -5.13 27.91
N TYR A 17 3.73 -5.93 28.42
CA TYR A 17 3.57 -6.58 29.72
C TYR A 17 4.23 -5.78 30.85
N SER A 18 5.55 -5.88 30.96
CA SER A 18 6.30 -5.17 32.00
C SER A 18 6.11 -3.65 31.88
N ASP A 19 6.48 -2.94 32.96
CA ASP A 19 6.36 -1.49 32.97
C ASP A 19 7.40 -0.88 32.06
N ALA A 20 8.54 -1.54 31.94
CA ALA A 20 9.61 -1.06 31.09
C ALA A 20 9.08 -1.01 29.66
N GLN A 21 8.58 -2.15 29.18
CA GLN A 21 8.03 -2.22 27.83
C GLN A 21 6.95 -1.15 27.68
N ARG A 22 6.15 -0.98 28.72
CA ARG A 22 5.09 0.01 28.67
C ARG A 22 5.67 1.43 28.56
N GLU A 23 6.80 1.65 29.23
CA GLU A 23 7.46 2.95 29.20
C GLU A 23 8.03 3.25 27.81
N ARG A 24 8.72 2.26 27.24
CA ARG A 24 9.31 2.42 25.90
C ARG A 24 8.27 2.81 24.87
N ALA A 25 7.14 2.11 24.88
CA ALA A 25 6.06 2.36 23.93
C ALA A 25 5.50 3.78 24.07
N ALA A 26 5.26 4.21 25.30
CA ALA A 26 4.74 5.55 25.55
C ALA A 26 5.71 6.61 25.04
N LYS A 27 7.00 6.32 25.16
CA LYS A 27 8.03 7.25 24.70
C LYS A 27 8.14 7.22 23.18
N ALA A 28 8.23 6.01 22.63
CA ALA A 28 8.33 5.86 21.18
C ALA A 28 7.22 6.66 20.52
N LYS A 29 6.04 6.62 21.11
CA LYS A 29 4.89 7.35 20.59
C LYS A 29 5.18 8.85 20.61
N GLU A 30 5.69 9.33 21.75
CA GLU A 30 6.01 10.75 21.90
C GLU A 30 7.03 11.17 20.85
N LEU A 31 8.06 10.36 20.67
CA LEU A 31 9.09 10.64 19.68
C LEU A 31 8.48 10.71 18.28
N LEU A 32 7.92 9.59 17.82
CA LEU A 32 7.31 9.53 16.50
C LEU A 32 6.34 10.70 16.27
N ALA A 33 5.69 11.14 17.34
CA ALA A 33 4.73 12.23 17.26
C ALA A 33 5.38 13.56 16.87
N LYS A 34 6.70 13.63 16.97
CA LYS A 34 7.43 14.84 16.63
C LYS A 34 7.95 14.78 15.20
N ASN A 35 8.07 13.57 14.68
CA ASN A 35 8.56 13.36 13.33
C ASN A 35 7.63 13.91 12.25
N PRO A 36 8.13 14.84 11.43
CA PRO A 36 7.38 15.47 10.35
C PRO A 36 7.10 14.58 9.14
N SER A 37 7.71 13.40 9.09
CA SER A 37 7.52 12.49 7.95
C SER A 37 6.40 11.49 8.17
N ILE A 38 5.82 11.51 9.37
CA ILE A 38 4.76 10.58 9.73
C ILE A 38 3.35 11.17 9.53
N ALA A 39 2.45 10.38 8.94
CA ALA A 39 1.07 10.82 8.73
C ALA A 39 0.14 10.12 9.72
N HIS A 40 0.56 8.94 10.18
CA HIS A 40 -0.24 8.17 11.13
C HIS A 40 0.56 7.07 11.81
N VAL A 41 0.23 6.81 13.07
CA VAL A 41 0.90 5.77 13.83
C VAL A 41 -0.16 4.88 14.44
N PHE A 42 -0.01 3.57 14.24
CA PHE A 42 -0.96 2.61 14.80
C PHE A 42 -0.27 1.78 15.87
N PHE A 43 -0.87 1.73 17.05
CA PHE A 43 -0.34 0.96 18.15
C PHE A 43 -1.48 0.03 18.56
N PRO A 44 -1.32 -1.28 18.32
CA PRO A 44 -2.31 -2.33 18.62
C PRO A 44 -2.91 -2.41 20.02
N PHE A 45 -2.17 -2.00 21.04
CA PHE A 45 -2.71 -2.06 22.40
C PHE A 45 -3.61 -0.89 22.78
N ASP A 46 -3.81 0.05 21.86
CA ASP A 46 -4.71 1.16 22.14
C ASP A 46 -6.12 0.64 21.87
N GLY A 48 -9.18 -1.40 21.96
CA GLY A 48 -9.45 -2.80 21.62
C GLY A 48 -10.89 -3.09 21.21
N PHE A 49 -11.17 -4.36 20.98
CA PHE A 49 -12.50 -4.81 20.58
C PHE A 49 -13.18 -5.40 21.81
N THR A 50 -14.50 -5.25 21.88
CA THR A 50 -15.25 -5.80 23.00
C THR A 50 -16.28 -6.76 22.43
N ASP A 51 -16.28 -7.98 22.93
CA ASP A 51 -17.23 -9.00 22.50
C ASP A 51 -18.35 -8.97 23.53
N PRO A 52 -19.51 -8.41 23.17
CA PRO A 52 -20.66 -8.31 24.07
C PRO A 52 -21.13 -9.66 24.61
N ASP A 53 -20.36 -10.71 24.39
CA ASP A 53 -20.69 -12.05 24.85
C ASP A 53 -19.75 -12.53 25.94
N GLU A 54 -18.54 -12.00 25.99
CA GLU A 54 -17.60 -12.40 27.03
C GLU A 54 -18.07 -11.83 28.36
N LYS A 55 -18.50 -12.72 29.26
CA LYS A 55 -18.99 -12.30 30.56
C LYS A 55 -17.88 -11.72 31.44
N PRO A 57 -13.80 -11.12 30.84
CA PRO A 57 -12.57 -11.53 30.15
C PRO A 57 -11.34 -10.90 30.78
N GLU A 58 -10.22 -11.62 30.75
CA GLU A 58 -8.98 -11.10 31.34
C GLU A 58 -7.80 -11.33 30.43
N ILE A 59 -6.84 -10.42 30.48
CA ILE A 59 -5.65 -10.54 29.67
C ILE A 59 -4.91 -11.78 30.17
N GLY A 60 -4.62 -12.69 29.26
CA GLY A 60 -3.93 -13.91 29.63
C GLY A 60 -4.90 -15.05 29.83
N GLY A 61 -6.18 -14.70 29.95
CA GLY A 61 -7.19 -15.73 30.15
C GLY A 61 -7.73 -16.32 28.87
N ILE A 62 -8.77 -17.15 29.00
CA ILE A 62 -9.40 -17.78 27.85
C ILE A 62 -10.26 -16.69 27.21
N ARG A 63 -10.07 -16.45 25.92
CA ARG A 63 -10.84 -15.43 25.22
C ARG A 63 -11.74 -16.07 24.18
N SER A 64 -12.84 -15.41 23.85
CA SER A 64 -13.78 -15.92 22.85
C SER A 64 -13.12 -15.87 21.47
N MET A 65 -13.56 -16.73 20.56
CA MET A 65 -12.99 -16.77 19.22
C MET A 65 -13.30 -15.49 18.45
N VAL A 66 -14.46 -14.90 18.73
CA VAL A 66 -14.87 -13.67 18.09
C VAL A 66 -13.90 -12.56 18.48
N TRP A 67 -13.57 -12.47 19.76
CA TRP A 67 -12.63 -11.46 20.22
C TRP A 67 -11.25 -11.71 19.61
N ARG A 68 -10.82 -12.96 19.62
CA ARG A 68 -9.51 -13.34 19.07
C ARG A 68 -9.40 -12.95 17.60
N ASP A 69 -10.42 -13.32 16.81
CA ASP A 69 -10.43 -12.98 15.39
C ASP A 69 -10.41 -11.49 15.13
N ALA A 70 -11.29 -10.77 15.81
CA ALA A 70 -11.41 -9.32 15.63
C ALA A 70 -10.12 -8.59 15.99
N THR A 71 -9.51 -9.02 17.09
CA THR A 71 -8.29 -8.39 17.57
C THR A 71 -7.09 -8.70 16.67
N TYR A 72 -6.96 -9.96 16.28
CA TYR A 72 -5.88 -10.38 15.41
C TYR A 72 -6.02 -9.62 14.09
N GLN A 73 -7.26 -9.52 13.60
CA GLN A 73 -7.51 -8.82 12.35
C GLN A 73 -7.18 -7.32 12.48
N ASN A 74 -7.52 -6.73 13.62
CA ASN A 74 -7.22 -5.31 13.79
C ASN A 74 -5.74 -5.09 13.61
N ASP A 75 -4.95 -6.05 14.05
CA ASP A 75 -3.49 -5.96 13.91
C ASP A 75 -3.06 -6.16 12.46
N LEU A 76 -3.65 -7.14 11.78
CA LEU A 76 -3.29 -7.38 10.38
C LEU A 76 -3.71 -6.17 9.56
N THR A 77 -4.85 -5.59 9.90
CA THR A 77 -5.33 -4.41 9.21
C THR A 77 -4.30 -3.29 9.41
N GLY A 78 -3.76 -3.20 10.63
CA GLY A 78 -2.78 -2.17 10.90
C GLY A 78 -1.55 -2.37 10.03
N ILE A 79 -1.15 -3.62 9.85
CA ILE A 79 0.00 -3.91 9.02
C ILE A 79 -0.31 -3.61 7.54
N SER A 80 -1.54 -3.91 7.13
CA SER A 80 -1.96 -3.66 5.75
C SER A 80 -1.89 -2.18 5.40
N ASN A 81 -2.50 -1.36 6.26
CA ASN A 81 -2.53 0.09 6.06
C ASN A 81 -1.15 0.72 6.19
N ALA A 82 -0.29 0.14 7.01
CA ALA A 82 1.04 0.71 7.25
C ALA A 82 1.98 0.67 6.04
N THR A 83 2.93 1.60 6.04
CA THR A 83 3.92 1.67 4.97
C THR A 83 5.24 1.08 5.51
N CYS A 84 5.36 1.06 6.84
CA CYS A 84 6.54 0.50 7.48
C CYS A 84 6.27 0.15 8.94
N GLY A 85 7.08 -0.76 9.46
CA GLY A 85 6.93 -1.16 10.85
C GLY A 85 8.07 -0.69 11.73
N VAL A 86 7.73 -0.34 12.96
CA VAL A 86 8.70 0.10 13.95
C VAL A 86 8.49 -0.83 15.14
N PHE A 87 9.49 -1.64 15.43
CA PHE A 87 9.38 -2.60 16.53
C PHE A 87 10.31 -2.41 17.73
N LEU A 88 9.71 -2.04 18.86
CA LEU A 88 10.43 -1.86 20.12
C LEU A 88 10.74 -3.28 20.53
N TYR A 89 11.83 -3.80 19.97
CA TYR A 89 12.25 -5.19 20.20
C TYR A 89 13.02 -5.45 21.49
N ASP A 90 12.44 -6.30 22.34
CA ASP A 90 13.05 -6.65 23.60
C ASP A 90 14.03 -7.82 23.42
N MET A 91 15.32 -7.55 23.58
CA MET A 91 16.31 -8.62 23.42
C MET A 91 16.42 -9.51 24.66
N ASP A 92 15.87 -9.06 25.77
CA ASP A 92 15.92 -9.84 27.03
C ASP A 92 14.82 -10.89 27.07
N GLN A 93 13.59 -10.44 26.85
CA GLN A 93 12.42 -11.32 26.82
C GLN A 93 11.85 -11.27 25.39
N LEU A 94 12.26 -12.22 24.55
CA LEU A 94 11.81 -12.26 23.16
C LEU A 94 10.29 -12.38 23.02
N ASP A 95 9.73 -11.45 22.26
CA ASP A 95 8.29 -11.42 21.99
C ASP A 95 8.00 -12.09 20.64
N ASP A 96 7.39 -13.27 20.69
CA ASP A 96 7.09 -13.98 19.45
C ASP A 96 6.00 -13.32 18.64
N GLY A 97 5.17 -12.52 19.30
CA GLY A 97 4.11 -11.82 18.59
C GLY A 97 4.75 -10.79 17.67
N SER A 98 5.71 -10.05 18.22
CA SER A 98 6.41 -9.02 17.45
C SER A 98 7.16 -9.63 16.28
N ALA A 99 7.87 -10.72 16.53
CA ALA A 99 8.63 -11.40 15.49
C ALA A 99 7.70 -11.88 14.37
N PHE A 100 6.54 -12.42 14.74
CA PHE A 100 5.56 -12.89 13.76
C PHE A 100 5.27 -11.74 12.82
N GLU A 101 4.94 -10.59 13.41
CA GLU A 101 4.61 -9.40 12.65
C GLU A 101 5.72 -8.91 11.74
N ILE A 102 6.96 -9.09 12.18
CA ILE A 102 8.10 -8.68 11.36
C ILE A 102 8.14 -9.55 10.10
N GLY A 103 8.00 -10.87 10.29
CA GLY A 103 8.03 -11.77 9.17
C GLY A 103 6.86 -11.54 8.22
N PHE A 104 5.70 -11.20 8.78
CA PHE A 104 4.51 -10.92 8.00
C PHE A 104 4.73 -9.69 7.13
N MET A 105 5.30 -8.64 7.73
CA MET A 105 5.55 -7.40 7.00
C MET A 105 6.59 -7.58 5.91
N ARG A 106 7.64 -8.35 6.19
CA ARG A 106 8.67 -8.57 5.18
C ARG A 106 8.12 -9.41 4.04
N ALA A 107 7.24 -10.35 4.34
CA ALA A 107 6.65 -11.18 3.30
C ALA A 107 5.86 -10.27 2.38
N MET A 108 5.39 -9.15 2.92
CA MET A 108 4.64 -8.19 2.12
C MET A 108 5.60 -7.17 1.51
N HIS A 109 6.90 -7.42 1.68
CA HIS A 109 7.96 -6.53 1.17
C HIS A 109 8.02 -5.15 1.78
N LYS A 110 7.38 -4.94 2.93
CA LYS A 110 7.40 -3.62 3.56
C LYS A 110 8.66 -3.46 4.41
N PRO A 111 9.13 -2.21 4.59
CA PRO A 111 10.34 -2.00 5.39
C PRO A 111 10.05 -2.17 6.88
N VAL A 112 11.05 -2.64 7.61
CA VAL A 112 10.93 -2.85 9.05
C VAL A 112 12.10 -2.23 9.81
N ILE A 113 11.79 -1.30 10.70
CA ILE A 113 12.81 -0.65 11.52
C ILE A 113 12.86 -1.39 12.85
N LEU A 114 14.02 -1.95 13.19
CA LEU A 114 14.19 -2.67 14.45
C LEU A 114 14.83 -1.77 15.51
N VAL A 115 14.12 -1.52 16.61
CA VAL A 115 14.61 -0.69 17.71
C VAL A 115 14.84 -1.61 18.91
N PRO A 116 15.97 -2.33 18.93
CA PRO A 116 16.26 -3.25 20.05
C PRO A 116 16.58 -2.61 21.39
N PHE A 117 16.17 -3.30 22.45
CA PHE A 117 16.39 -2.86 23.82
C PHE A 117 16.97 -4.01 24.63
N THR A 118 17.85 -3.68 25.56
CA THR A 118 18.48 -4.68 26.41
C THR A 118 18.93 -4.05 27.71
N GLU A 119 18.70 -4.74 28.82
CA GLU A 119 19.12 -4.23 30.11
C GLU A 119 20.25 -5.12 30.60
N HIS A 120 20.90 -5.80 29.66
CA HIS A 120 22.02 -6.68 29.96
C HIS A 120 23.18 -6.46 28.99
N PRO A 121 23.82 -5.28 29.08
CA PRO A 121 24.96 -4.92 28.23
C PRO A 121 26.10 -5.94 28.29
N GLU A 122 26.18 -6.66 29.39
CA GLU A 122 27.23 -7.65 29.61
C GLU A 122 27.21 -8.79 28.58
N LYS A 123 26.01 -9.25 28.23
CA LYS A 123 25.87 -10.33 27.26
C LYS A 123 26.25 -9.91 25.84
N GLU A 124 26.98 -10.77 25.14
CA GLU A 124 27.42 -10.50 23.78
C GLU A 124 26.21 -10.29 22.87
N LYS A 125 26.12 -9.11 22.27
CA LYS A 125 25.02 -8.77 21.38
C LYS A 125 24.85 -9.85 20.31
N LYS A 126 23.80 -10.66 20.46
CA LYS A 126 23.52 -11.73 19.51
C LYS A 126 22.08 -11.61 18.99
N MET A 127 21.86 -12.01 17.74
CA MET A 127 20.53 -11.93 17.15
C MET A 127 20.23 -13.11 16.25
N ASN A 128 18.97 -13.52 16.22
CA ASN A 128 18.57 -14.64 15.37
C ASN A 128 18.72 -14.18 13.92
N LEU A 129 19.18 -15.08 13.06
CA LEU A 129 19.38 -14.77 11.64
C LEU A 129 18.17 -14.11 10.99
N MET A 130 17.02 -14.77 11.09
CA MET A 130 15.80 -14.25 10.47
C MET A 130 15.52 -12.80 10.80
N ILE A 131 15.77 -12.42 12.04
CA ILE A 131 15.53 -11.03 12.45
C ILE A 131 16.62 -10.13 11.90
N ALA A 132 17.86 -10.60 12.01
CA ALA A 132 19.02 -9.87 11.52
C ALA A 132 18.93 -9.59 10.02
N GLN A 133 18.58 -10.60 9.23
CA GLN A 133 18.48 -10.41 7.79
C GLN A 133 17.09 -9.94 7.34
N GLY A 134 16.10 -10.15 8.21
CA GLY A 134 14.74 -9.74 7.86
C GLY A 134 14.52 -8.24 7.97
N VAL A 135 15.05 -7.65 9.02
CA VAL A 135 14.93 -6.22 9.26
C VAL A 135 15.69 -5.40 8.20
N THR A 136 15.13 -4.24 7.83
CA THR A 136 15.78 -3.39 6.82
C THR A 136 16.58 -2.25 7.44
N THR A 137 16.12 -1.76 8.59
CA THR A 137 16.79 -0.68 9.29
C THR A 137 16.82 -0.89 10.80
N ILE A 138 17.96 -0.65 11.41
CA ILE A 138 18.08 -0.80 12.85
C ILE A 138 18.49 0.51 13.50
N ILE A 139 17.86 0.81 14.62
CA ILE A 139 18.11 2.01 15.41
C ILE A 139 18.19 1.51 16.84
N ASP A 140 19.40 1.48 17.41
CA ASP A 140 19.56 0.99 18.78
C ASP A 140 18.69 1.73 19.77
N GLY A 141 17.84 0.98 20.47
CA GLY A 141 16.94 1.59 21.44
C GLY A 141 17.63 2.15 22.66
N ASN A 142 18.74 1.54 23.04
CA ASN A 142 19.49 1.98 24.21
C ASN A 142 20.41 3.18 23.95
N THR A 143 20.77 3.42 22.69
CA THR A 143 21.67 4.52 22.37
C THR A 143 21.24 5.43 21.23
N GLU A 144 20.10 5.14 20.59
CA GLU A 144 19.63 5.95 19.46
C GLU A 144 18.12 6.09 19.41
N PHE A 145 17.45 5.77 20.51
CA PHE A 145 15.98 5.83 20.57
C PHE A 145 15.43 7.13 19.99
N GLU A 146 16.15 8.23 20.19
CA GLU A 146 15.72 9.54 19.72
C GLU A 146 15.77 9.72 18.20
N LYS A 147 16.48 8.83 17.52
CA LYS A 147 16.58 8.93 16.07
C LYS A 147 15.21 8.77 15.40
N LEU A 148 14.24 8.23 16.14
CA LEU A 148 12.88 8.01 15.63
C LEU A 148 12.13 9.30 15.39
N ALA A 149 12.55 10.37 16.04
CA ALA A 149 11.88 11.65 15.86
C ALA A 149 12.35 12.33 14.59
N ASP A 150 13.48 11.88 14.05
CA ASP A 150 14.04 12.49 12.85
C ASP A 150 14.05 11.60 11.62
N TYR A 151 14.03 10.29 11.82
CA TYR A 151 14.05 9.34 10.71
C TYR A 151 13.05 9.72 9.62
N ASN A 152 13.49 9.64 8.36
CA ASN A 152 12.62 9.97 7.25
C ASN A 152 11.80 8.76 6.84
N PHE A 153 10.56 8.72 7.32
CA PHE A 153 9.65 7.61 7.03
C PHE A 153 9.00 7.68 5.66
N ASN A 154 9.27 8.74 4.90
CA ASN A 154 8.69 8.84 3.57
C ASN A 154 9.47 7.95 2.60
N GLU A 155 10.63 7.46 3.03
CA GLU A 155 11.47 6.62 2.18
C GLU A 155 12.19 5.52 2.94
N CYS A 156 12.17 5.61 4.27
CA CYS A 156 12.81 4.61 5.13
C CYS A 156 14.17 4.10 4.65
N PRO A 157 15.22 4.94 4.80
CA PRO A 157 16.58 4.56 4.38
C PRO A 157 17.03 3.27 5.04
N SER A 158 17.72 2.41 4.29
CA SER A 158 18.21 1.15 4.82
C SER A 158 19.41 1.30 5.75
N ASN A 159 19.57 0.32 6.65
CA ASN A 159 20.69 0.31 7.59
C ASN A 159 20.81 -1.11 8.12
N PRO A 160 21.46 -1.98 7.34
CA PRO A 160 21.64 -3.39 7.72
C PRO A 160 22.14 -3.58 9.15
N VAL A 161 21.79 -4.72 9.73
CA VAL A 161 22.19 -5.07 11.08
C VAL A 161 23.64 -5.55 11.04
N ARG A 162 24.49 -4.93 11.85
CA ARG A 162 25.89 -5.28 11.91
C ARG A 162 26.39 -5.28 13.35
N GLY A 163 27.45 -6.04 13.62
CA GLY A 163 27.99 -6.09 14.95
C GLY A 163 27.25 -7.02 15.89
N TYR A 164 26.35 -7.83 15.33
CA TYR A 164 25.58 -8.78 16.12
C TYR A 164 25.98 -10.19 15.77
N GLY A 165 26.23 -11.02 16.79
CA GLY A 165 26.58 -12.38 16.51
C GLY A 165 25.30 -13.05 16.03
N ILE A 166 25.34 -13.69 14.87
CA ILE A 166 24.15 -14.34 14.35
C ILE A 166 23.96 -15.66 15.06
N TYR A 167 22.84 -15.78 15.77
CA TYR A 167 22.51 -16.97 16.54
C TYR A 167 22.51 -18.24 15.73
N MET B 1 -3.54 5.74 16.49
CA MET B 1 -3.84 7.04 17.17
C MET B 1 -4.21 8.11 16.15
N LYS B 2 -4.63 9.27 16.63
CA LYS B 2 -5.03 10.39 15.76
C LYS B 2 -4.09 10.57 14.56
N ALA B 3 -4.68 10.71 13.38
CA ALA B 3 -3.91 10.89 12.15
C ALA B 3 -3.66 12.36 11.82
N VAL B 4 -2.43 12.68 11.43
CA VAL B 4 -2.06 14.05 11.08
C VAL B 4 -2.84 14.50 9.85
N VAL B 5 -3.05 13.57 8.92
CA VAL B 5 -3.79 13.85 7.70
C VAL B 5 -4.65 12.63 7.37
N PRO B 6 -5.75 12.83 6.64
CA PRO B 6 -6.63 11.71 6.27
C PRO B 6 -5.80 10.67 5.51
N THR B 7 -5.94 9.39 5.83
CA THR B 7 -5.17 8.39 5.12
C THR B 7 -6.01 7.27 4.51
N GLY B 8 -7.32 7.35 4.69
CA GLY B 8 -8.20 6.33 4.15
C GLY B 8 -8.41 6.45 2.65
N LYS B 9 -8.08 5.39 1.93
CA LYS B 9 -8.29 5.39 0.49
C LYS B 9 -9.26 4.26 0.24
N ILE B 10 -10.50 4.63 -0.04
CA ILE B 10 -11.59 3.69 -0.22
C ILE B 10 -11.86 3.19 -1.62
N TYR B 11 -12.02 1.87 -1.75
CA TYR B 11 -12.40 1.26 -3.01
C TYR B 11 -13.87 0.98 -2.75
N LEU B 12 -14.74 1.73 -3.42
CA LEU B 12 -16.17 1.58 -3.25
C LEU B 12 -16.71 0.62 -4.28
N GLY B 13 -16.91 -0.63 -3.87
CA GLY B 13 -17.43 -1.64 -4.79
C GLY B 13 -18.93 -1.69 -4.74
N SER B 14 -19.57 -1.94 -5.87
CA SER B 14 -21.03 -1.97 -5.88
C SER B 14 -21.64 -2.33 -7.20
N PRO B 15 -22.76 -3.06 -7.17
CA PRO B 15 -23.43 -3.41 -8.42
C PRO B 15 -23.88 -2.03 -8.85
N PHE B 16 -24.10 -1.88 -10.13
CA PHE B 16 -24.57 -0.60 -10.66
C PHE B 16 -25.77 -0.75 -11.57
N TYR B 17 -26.74 -1.51 -11.06
CA TYR B 17 -28.00 -1.80 -11.74
C TYR B 17 -29.14 -1.09 -11.03
N SER B 18 -30.31 -1.67 -11.16
CA SER B 18 -31.55 -1.18 -10.55
C SER B 18 -31.41 0.23 -10.00
N ASP B 19 -32.50 0.97 -9.97
CA ASP B 19 -32.37 2.31 -9.47
C ASP B 19 -31.91 2.24 -8.01
N ALA B 20 -32.40 1.26 -7.26
CA ALA B 20 -31.97 1.07 -5.86
C ALA B 20 -30.44 1.00 -5.71
N GLN B 21 -29.77 0.22 -6.56
CA GLN B 21 -28.32 0.09 -6.46
C GLN B 21 -27.58 1.40 -6.72
N ARG B 22 -27.92 2.09 -7.80
CA ARG B 22 -27.25 3.34 -8.09
C ARG B 22 -27.57 4.43 -7.07
N GLU B 23 -28.72 4.32 -6.41
CA GLU B 23 -29.09 5.30 -5.40
C GLU B 23 -28.25 5.08 -4.14
N ARG B 24 -28.05 3.82 -3.76
CA ARG B 24 -27.23 3.50 -2.59
C ARG B 24 -25.84 4.04 -2.85
N ALA B 25 -25.35 3.80 -4.06
CA ALA B 25 -24.01 4.25 -4.44
C ALA B 25 -23.94 5.76 -4.26
N ALA B 26 -24.98 6.45 -4.73
CA ALA B 26 -25.06 7.89 -4.60
C ALA B 26 -24.93 8.32 -3.14
N LYS B 27 -25.78 7.73 -2.30
CA LYS B 27 -25.78 8.03 -0.86
C LYS B 27 -24.43 7.69 -0.24
N ALA B 28 -23.88 6.55 -0.62
CA ALA B 28 -22.59 6.11 -0.10
C ALA B 28 -21.55 7.19 -0.29
N LYS B 29 -21.48 7.73 -1.51
CA LYS B 29 -20.53 8.79 -1.82
C LYS B 29 -20.74 10.02 -0.95
N GLU B 30 -22.00 10.41 -0.78
CA GLU B 30 -22.32 11.57 0.04
C GLU B 30 -21.81 11.38 1.47
N LEU B 31 -22.11 10.21 2.04
CA LEU B 31 -21.68 9.89 3.40
C LEU B 31 -20.16 9.89 3.51
N LEU B 32 -19.49 9.24 2.56
CA LEU B 32 -18.04 9.16 2.58
C LEU B 32 -17.41 10.54 2.47
N ALA B 33 -18.05 11.41 1.70
CA ALA B 33 -17.55 12.77 1.52
C ALA B 33 -17.46 13.51 2.85
N LYS B 34 -18.36 13.19 3.77
CA LYS B 34 -18.38 13.85 5.06
C LYS B 34 -17.50 13.22 6.13
N ASN B 35 -16.72 12.21 5.76
CA ASN B 35 -15.85 11.52 6.70
C ASN B 35 -14.43 12.06 6.71
N PRO B 36 -14.04 12.74 7.80
CA PRO B 36 -12.71 13.35 7.97
C PRO B 36 -11.53 12.39 7.87
N SER B 37 -11.79 11.08 7.89
CA SER B 37 -10.70 10.11 7.81
C SER B 37 -10.42 9.68 6.37
N ILE B 38 -11.26 10.08 5.44
CA ILE B 38 -11.08 9.68 4.05
C ILE B 38 -10.24 10.62 3.19
N ALA B 39 -9.18 10.09 2.59
CA ALA B 39 -8.31 10.88 1.73
C ALA B 39 -8.80 10.82 0.28
N HIS B 40 -9.23 9.64 -0.15
CA HIS B 40 -9.72 9.46 -1.52
C HIS B 40 -10.74 8.33 -1.63
N VAL B 41 -11.61 8.42 -2.63
CA VAL B 41 -12.62 7.41 -2.84
C VAL B 41 -12.68 7.09 -4.33
N PHE B 42 -12.60 5.80 -4.66
CA PHE B 42 -12.64 5.38 -6.05
C PHE B 42 -13.92 4.60 -6.31
N PHE B 43 -14.67 5.01 -7.33
CA PHE B 43 -15.89 4.32 -7.71
C PHE B 43 -15.64 3.88 -9.15
N PRO B 44 -15.53 2.57 -9.39
CA PRO B 44 -15.29 1.99 -10.71
C PRO B 44 -16.17 2.48 -11.85
N PHE B 45 -17.41 2.86 -11.55
CA PHE B 45 -18.33 3.31 -12.58
C PHE B 45 -18.29 4.80 -12.89
N ASP B 46 -17.45 5.56 -12.19
CA ASP B 46 -17.38 7.01 -12.41
C ASP B 46 -16.76 7.47 -13.72
N ASP B 47 -15.62 6.92 -14.11
CA ASP B 47 -14.99 7.36 -15.36
C ASP B 47 -15.28 6.42 -16.52
N GLY B 48 -14.24 5.78 -17.01
CA GLY B 48 -14.42 4.87 -18.11
C GLY B 48 -13.40 5.08 -19.19
N PHE B 49 -12.97 3.98 -19.79
CA PHE B 49 -12.01 4.03 -20.85
C PHE B 49 -12.80 4.06 -22.16
N THR B 50 -12.19 4.63 -23.19
CA THR B 50 -12.82 4.70 -24.49
C THR B 50 -11.88 4.11 -25.53
N ASP B 51 -12.33 3.06 -26.21
CA ASP B 51 -11.52 2.45 -27.26
C ASP B 51 -12.02 2.96 -28.61
N PRO B 52 -11.21 3.77 -29.29
CA PRO B 52 -11.51 4.37 -30.59
C PRO B 52 -11.93 3.35 -31.66
N ASP B 53 -11.36 2.14 -31.58
CA ASP B 53 -11.66 1.10 -32.55
C ASP B 53 -13.06 0.56 -32.31
N GLU B 54 -13.52 0.70 -31.09
CA GLU B 54 -14.83 0.21 -30.70
C GLU B 54 -15.94 1.13 -31.20
N LYS B 55 -16.84 0.57 -32.00
CA LYS B 55 -17.95 1.34 -32.54
C LYS B 55 -19.28 0.86 -31.96
N ASN B 56 -20.16 1.81 -31.66
CA ASN B 56 -21.47 1.51 -31.08
C ASN B 56 -21.42 0.68 -29.80
N PRO B 57 -20.42 0.94 -28.93
CA PRO B 57 -20.30 0.20 -27.68
C PRO B 57 -21.58 0.27 -26.85
N GLU B 58 -21.96 -0.85 -26.26
CA GLU B 58 -23.16 -0.91 -25.43
C GLU B 58 -22.87 -1.76 -24.19
N ILE B 59 -23.53 -1.43 -23.09
CA ILE B 59 -23.34 -2.18 -21.86
C ILE B 59 -24.02 -3.53 -22.00
N GLY B 60 -23.32 -4.59 -21.58
CA GLY B 60 -23.89 -5.92 -21.69
C GLY B 60 -23.64 -6.51 -23.06
N GLY B 61 -23.17 -5.67 -23.98
CA GLY B 61 -22.89 -6.15 -25.33
C GLY B 61 -21.44 -6.59 -25.45
N ILE B 62 -21.09 -7.16 -26.60
CA ILE B 62 -19.73 -7.60 -26.85
C ILE B 62 -18.80 -6.38 -26.81
N ARG B 63 -17.75 -6.44 -26.00
CA ARG B 63 -16.81 -5.32 -25.88
C ARG B 63 -15.44 -5.73 -26.42
N SER B 64 -14.64 -4.76 -26.86
CA SER B 64 -13.32 -5.07 -27.39
C SER B 64 -12.41 -5.58 -26.27
N MET B 65 -11.41 -6.38 -26.63
CA MET B 65 -10.49 -6.90 -25.62
C MET B 65 -9.71 -5.73 -25.00
N VAL B 66 -9.38 -4.73 -25.81
CA VAL B 66 -8.66 -3.57 -25.31
C VAL B 66 -9.49 -2.83 -24.25
N TRP B 67 -10.78 -2.64 -24.52
CA TRP B 67 -11.64 -1.96 -23.55
C TRP B 67 -11.76 -2.81 -22.29
N ARG B 68 -11.94 -4.12 -22.47
CA ARG B 68 -12.04 -5.03 -21.35
C ARG B 68 -10.77 -4.97 -20.48
N ASP B 69 -9.61 -5.05 -21.10
CA ASP B 69 -8.38 -5.01 -20.30
C ASP B 69 -8.22 -3.71 -19.51
N ALA B 70 -8.41 -2.59 -20.21
CA ALA B 70 -8.24 -1.29 -19.61
C ALA B 70 -9.18 -1.09 -18.42
N THR B 71 -10.43 -1.51 -18.60
CA THR B 71 -11.44 -1.33 -17.58
C THR B 71 -11.18 -2.24 -16.39
N TYR B 72 -10.84 -3.50 -16.65
CA TYR B 72 -10.53 -4.45 -15.59
C TYR B 72 -9.32 -3.92 -14.82
N GLN B 73 -8.28 -3.48 -15.54
CA GLN B 73 -7.09 -2.96 -14.87
C GLN B 73 -7.40 -1.70 -14.07
N ASN B 74 -8.33 -0.88 -14.55
CA ASN B 74 -8.67 0.31 -13.79
C ASN B 74 -9.23 -0.08 -12.45
N ASP B 75 -10.02 -1.15 -12.42
CA ASP B 75 -10.57 -1.61 -11.15
C ASP B 75 -9.49 -2.21 -10.26
N LEU B 76 -8.56 -2.97 -10.83
CA LEU B 76 -7.49 -3.57 -10.02
C LEU B 76 -6.57 -2.45 -9.50
N THR B 77 -6.33 -1.44 -10.32
CA THR B 77 -5.50 -0.31 -9.93
C THR B 77 -6.15 0.35 -8.71
N GLY B 78 -7.47 0.48 -8.76
CA GLY B 78 -8.20 1.08 -7.66
C GLY B 78 -8.01 0.26 -6.39
N ILE B 79 -8.07 -1.05 -6.52
CA ILE B 79 -7.92 -1.93 -5.36
C ILE B 79 -6.50 -1.80 -4.81
N SER B 80 -5.53 -1.71 -5.71
CA SER B 80 -4.14 -1.57 -5.32
C SER B 80 -3.89 -0.26 -4.55
N ASN B 81 -4.46 0.83 -5.04
CA ASN B 81 -4.30 2.13 -4.40
C ASN B 81 -5.08 2.23 -3.08
N ALA B 82 -6.16 1.48 -2.97
CA ALA B 82 -7.00 1.51 -1.78
C ALA B 82 -6.36 0.91 -0.53
N THR B 83 -6.73 1.48 0.62
CA THR B 83 -6.25 0.96 1.89
C THR B 83 -7.34 0.05 2.45
N CYS B 84 -8.55 0.19 1.93
CA CYS B 84 -9.64 -0.65 2.39
C CYS B 84 -10.78 -0.63 1.38
N GLY B 85 -11.63 -1.65 1.45
CA GLY B 85 -12.74 -1.74 0.55
C GLY B 85 -14.08 -1.57 1.26
N VAL B 86 -15.01 -0.91 0.58
CA VAL B 86 -16.35 -0.71 1.10
C VAL B 86 -17.29 -1.24 0.03
N PHE B 87 -18.01 -2.30 0.35
CA PHE B 87 -18.92 -2.89 -0.61
C PHE B 87 -20.41 -2.75 -0.26
N LEU B 88 -21.14 -2.12 -1.18
CA LEU B 88 -22.58 -1.94 -1.05
C LEU B 88 -23.07 -3.26 -1.60
N TYR B 89 -23.19 -4.24 -0.71
CA TYR B 89 -23.57 -5.60 -1.07
C TYR B 89 -25.07 -5.91 -1.11
N ASP B 90 -25.57 -6.15 -2.32
CA ASP B 90 -26.98 -6.46 -2.52
C ASP B 90 -27.24 -7.92 -2.13
N MET B 91 -27.93 -8.12 -1.02
CA MET B 91 -28.22 -9.47 -0.54
C MET B 91 -29.37 -10.16 -1.28
N ASP B 92 -30.07 -9.42 -2.13
CA ASP B 92 -31.20 -9.97 -2.89
C ASP B 92 -30.76 -10.53 -4.23
N GLN B 93 -29.84 -9.84 -4.89
CA GLN B 93 -29.33 -10.33 -6.17
C GLN B 93 -27.81 -10.29 -6.04
N LEU B 94 -27.23 -11.43 -5.71
CA LEU B 94 -25.78 -11.51 -5.54
C LEU B 94 -24.99 -11.09 -6.77
N ASP B 95 -24.00 -10.24 -6.55
CA ASP B 95 -23.15 -9.75 -7.63
C ASP B 95 -21.75 -10.37 -7.59
N ASP B 96 -21.43 -11.23 -8.55
CA ASP B 96 -20.13 -11.88 -8.57
C ASP B 96 -18.94 -10.94 -8.74
N GLY B 97 -19.15 -9.77 -9.35
CA GLY B 97 -18.07 -8.83 -9.54
C GLY B 97 -17.60 -8.29 -8.19
N SER B 98 -18.56 -7.99 -7.32
CA SER B 98 -18.23 -7.47 -6.00
C SER B 98 -17.56 -8.58 -5.19
N ALA B 99 -18.11 -9.78 -5.28
CA ALA B 99 -17.56 -10.89 -4.52
C ALA B 99 -16.12 -11.18 -4.97
N PHE B 100 -15.87 -11.10 -6.28
CA PHE B 100 -14.54 -11.33 -6.84
C PHE B 100 -13.58 -10.31 -6.24
N GLU B 101 -14.04 -9.06 -6.15
CA GLU B 101 -13.21 -7.98 -5.62
C GLU B 101 -12.96 -8.13 -4.13
N ILE B 102 -13.93 -8.64 -3.39
CA ILE B 102 -13.74 -8.83 -1.95
C ILE B 102 -12.64 -9.88 -1.77
N GLY B 103 -12.75 -10.98 -2.52
CA GLY B 103 -11.73 -12.02 -2.41
C GLY B 103 -10.34 -11.52 -2.81
N PHE B 104 -10.26 -10.74 -3.89
CA PHE B 104 -8.98 -10.21 -4.37
C PHE B 104 -8.34 -9.35 -3.27
N MET B 105 -9.15 -8.48 -2.66
CA MET B 105 -8.67 -7.62 -1.59
C MET B 105 -8.23 -8.38 -0.34
N ARG B 106 -8.97 -9.43 0.02
CA ARG B 106 -8.60 -10.20 1.20
C ARG B 106 -7.29 -10.96 0.96
N ALA B 107 -7.09 -11.42 -0.27
CA ALA B 107 -5.84 -12.12 -0.61
C ALA B 107 -4.68 -11.15 -0.41
N MET B 108 -4.92 -9.86 -0.67
CA MET B 108 -3.89 -8.84 -0.50
C MET B 108 -3.83 -8.37 0.95
N HIS B 109 -4.60 -9.02 1.81
CA HIS B 109 -4.68 -8.73 3.25
C HIS B 109 -5.29 -7.37 3.59
N LYS B 110 -6.03 -6.79 2.67
CA LYS B 110 -6.65 -5.49 2.93
C LYS B 110 -8.00 -5.64 3.64
N PRO B 111 -8.34 -4.69 4.51
CA PRO B 111 -9.63 -4.77 5.21
C PRO B 111 -10.78 -4.52 4.25
N VAL B 112 -11.90 -5.20 4.49
CA VAL B 112 -13.08 -5.08 3.68
C VAL B 112 -14.28 -4.81 4.57
N ILE B 113 -14.93 -3.67 4.30
CA ILE B 113 -16.11 -3.27 5.05
C ILE B 113 -17.31 -3.71 4.21
N LEU B 114 -18.12 -4.61 4.74
CA LEU B 114 -19.30 -5.06 4.01
C LEU B 114 -20.51 -4.25 4.48
N VAL B 115 -21.32 -3.80 3.52
CA VAL B 115 -22.51 -3.02 3.82
C VAL B 115 -23.64 -3.70 3.09
N PRO B 116 -24.26 -4.70 3.72
CA PRO B 116 -25.36 -5.44 3.10
C PRO B 116 -26.70 -4.68 3.02
N PHE B 117 -27.43 -4.96 1.95
CA PHE B 117 -28.73 -4.35 1.71
C PHE B 117 -29.73 -5.43 1.29
N THR B 118 -30.91 -5.34 1.81
CA THR B 118 -32.01 -6.23 1.49
C THR B 118 -33.33 -5.48 1.48
N GLU B 119 -34.16 -5.71 0.49
CA GLU B 119 -35.45 -5.03 0.42
C GLU B 119 -36.47 -5.84 1.23
N HIS B 120 -36.03 -6.98 1.74
CA HIS B 120 -36.88 -7.86 2.54
C HIS B 120 -36.23 -8.16 3.90
N PRO B 121 -36.24 -7.17 4.81
CA PRO B 121 -35.66 -7.30 6.15
C PRO B 121 -36.23 -8.45 6.96
N GLU B 122 -37.36 -9.00 6.50
CA GLU B 122 -38.00 -10.08 7.21
C GLU B 122 -37.58 -11.48 6.77
N LYS B 123 -37.14 -11.63 5.52
CA LYS B 123 -36.70 -12.94 5.05
C LYS B 123 -35.49 -13.41 5.86
N GLU B 124 -35.17 -14.70 5.73
CA GLU B 124 -34.04 -15.29 6.46
C GLU B 124 -32.71 -14.60 6.22
N LYS B 125 -31.89 -14.53 7.27
CA LYS B 125 -30.58 -13.91 7.19
C LYS B 125 -29.54 -15.00 7.00
N LYS B 126 -29.08 -15.16 5.77
CA LYS B 126 -28.08 -16.18 5.46
C LYS B 126 -26.98 -15.55 4.60
N MET B 127 -25.75 -16.02 4.78
CA MET B 127 -24.61 -15.50 4.03
C MET B 127 -23.63 -16.60 3.69
N ASN B 128 -23.00 -16.48 2.52
CA ASN B 128 -22.01 -17.45 2.10
C ASN B 128 -20.82 -17.36 3.04
N LEU B 129 -20.28 -18.53 3.40
CA LEU B 129 -19.13 -18.64 4.31
C LEU B 129 -17.96 -17.74 3.97
N MET B 130 -17.58 -17.73 2.70
CA MET B 130 -16.43 -16.92 2.24
C MET B 130 -16.64 -15.44 2.44
N ILE B 131 -17.85 -14.97 2.22
CA ILE B 131 -18.11 -13.55 2.42
C ILE B 131 -18.18 -13.28 3.90
N ALA B 132 -18.89 -14.15 4.63
CA ALA B 132 -19.06 -14.00 6.07
C ALA B 132 -17.74 -14.01 6.85
N GLN B 133 -16.77 -14.79 6.40
CA GLN B 133 -15.50 -14.90 7.09
C GLN B 133 -14.43 -14.03 6.43
N GLY B 134 -14.64 -13.73 5.15
CA GLY B 134 -13.68 -12.91 4.44
C GLY B 134 -13.70 -11.46 4.88
N VAL B 135 -14.88 -10.88 5.03
CA VAL B 135 -14.96 -9.49 5.45
C VAL B 135 -14.49 -9.30 6.88
N THR B 136 -13.91 -8.14 7.13
CA THR B 136 -13.38 -7.83 8.45
C THR B 136 -14.31 -6.94 9.27
N THR B 137 -15.13 -6.15 8.58
CA THR B 137 -16.06 -5.27 9.27
C THR B 137 -17.40 -5.23 8.55
N ILE B 138 -18.49 -5.42 9.30
CA ILE B 138 -19.81 -5.33 8.69
C ILE B 138 -20.54 -4.13 9.29
N ILE B 139 -21.26 -3.41 8.44
CA ILE B 139 -22.05 -2.24 8.83
C ILE B 139 -23.36 -2.40 8.06
N ASP B 140 -24.45 -2.67 8.75
CA ASP B 140 -25.70 -2.89 8.05
C ASP B 140 -26.14 -1.67 7.26
N GLY B 141 -26.41 -1.87 5.96
CA GLY B 141 -26.82 -0.77 5.12
C GLY B 141 -28.24 -0.32 5.40
N ASN B 142 -29.08 -1.28 5.77
CA ASN B 142 -30.47 -0.99 6.05
C ASN B 142 -30.75 -0.20 7.32
N THR B 143 -29.84 -0.24 8.29
CA THR B 143 -30.06 0.49 9.53
C THR B 143 -28.85 1.24 10.06
N GLU B 144 -27.70 1.08 9.42
CA GLU B 144 -26.50 1.76 9.91
C GLU B 144 -25.73 2.43 8.80
N PHE B 145 -26.33 2.51 7.62
CA PHE B 145 -25.71 3.12 6.46
C PHE B 145 -24.93 4.37 6.86
N GLU B 146 -25.61 5.26 7.58
CA GLU B 146 -25.05 6.53 8.01
C GLU B 146 -23.70 6.52 8.74
N LYS B 147 -23.31 5.41 9.35
CA LYS B 147 -22.01 5.45 10.03
C LYS B 147 -20.80 5.46 9.10
N LEU B 148 -21.03 5.37 7.79
CA LEU B 148 -19.90 5.43 6.86
C LEU B 148 -19.32 6.84 6.95
N ALA B 149 -20.16 7.78 7.43
CA ALA B 149 -19.75 9.17 7.57
C ALA B 149 -18.80 9.38 8.76
N ASP B 150 -18.84 8.46 9.73
CA ASP B 150 -18.01 8.58 10.94
C ASP B 150 -16.99 7.47 11.15
N TYR B 151 -17.17 6.31 10.51
CA TYR B 151 -16.24 5.20 10.68
C TYR B 151 -14.80 5.68 10.50
N ASN B 152 -13.89 5.17 11.31
CA ASN B 152 -12.49 5.58 11.24
C ASN B 152 -11.65 4.79 10.21
N PHE B 153 -11.61 5.29 8.99
CA PHE B 153 -10.87 4.64 7.92
C PHE B 153 -9.36 4.75 8.01
N ASN B 154 -8.86 5.44 9.03
CA ASN B 154 -7.41 5.51 9.20
C ASN B 154 -6.95 4.21 9.84
N GLU B 155 -7.88 3.51 10.48
CA GLU B 155 -7.54 2.27 11.16
C GLU B 155 -8.47 1.09 10.89
N CYS B 156 -9.68 1.37 10.42
CA CYS B 156 -10.67 0.33 10.11
C CYS B 156 -10.85 -0.74 11.21
N PRO B 157 -11.50 -0.38 12.33
CA PRO B 157 -11.73 -1.31 13.43
C PRO B 157 -12.55 -2.50 12.92
N SER B 158 -12.12 -3.71 13.26
CA SER B 158 -12.84 -4.91 12.84
C SER B 158 -14.19 -5.04 13.54
N ASN B 159 -15.09 -5.79 12.92
CA ASN B 159 -16.40 -6.06 13.49
C ASN B 159 -16.95 -7.25 12.73
N PRO B 160 -16.60 -8.47 13.19
CA PRO B 160 -17.02 -9.75 12.60
C PRO B 160 -18.52 -9.92 12.33
N VAL B 161 -18.84 -10.58 11.22
CA VAL B 161 -20.22 -10.81 10.84
C VAL B 161 -20.82 -11.85 11.79
N ARG B 162 -21.96 -11.49 12.38
CA ARG B 162 -22.65 -12.38 13.31
C ARG B 162 -24.16 -12.23 13.13
N GLY B 163 -24.91 -13.30 13.37
CA GLY B 163 -26.36 -13.22 13.23
C GLY B 163 -26.87 -13.69 11.89
N TYR B 164 -25.96 -14.19 11.05
CA TYR B 164 -26.32 -14.69 9.73
C TYR B 164 -26.11 -16.19 9.69
N GLY B 165 -27.08 -16.94 9.16
CA GLY B 165 -26.89 -18.37 9.05
C GLY B 165 -25.77 -18.52 8.02
N ILE B 166 -25.00 -19.59 8.10
CA ILE B 166 -23.88 -19.81 7.18
C ILE B 166 -24.08 -21.00 6.24
N TYR B 167 -23.86 -20.78 4.94
CA TYR B 167 -24.01 -21.87 3.97
C TYR B 167 -22.85 -21.89 2.96
N MET C 1 -13.01 9.64 -7.36
CA MET C 1 -13.54 11.02 -7.13
C MET C 1 -12.39 11.93 -6.72
N LYS C 2 -12.66 13.23 -6.61
CA LYS C 2 -11.61 14.17 -6.22
C LYS C 2 -11.03 13.82 -4.85
N ALA C 3 -9.70 13.79 -4.76
CA ALA C 3 -9.03 13.47 -3.51
C ALA C 3 -9.00 14.68 -2.57
N VAL C 4 -8.99 14.41 -1.26
CA VAL C 4 -8.95 15.47 -0.27
C VAL C 4 -7.52 15.97 -0.09
N VAL C 5 -6.57 15.11 -0.43
CA VAL C 5 -5.16 15.45 -0.32
C VAL C 5 -4.40 14.56 -1.31
N PRO C 6 -3.26 15.05 -1.84
CA PRO C 6 -2.46 14.28 -2.79
C PRO C 6 -2.28 12.85 -2.27
N THR C 7 -2.48 11.88 -3.15
CA THR C 7 -2.37 10.47 -2.78
C THR C 7 -1.31 9.72 -3.60
N GLY C 8 -0.94 10.27 -4.74
CA GLY C 8 0.04 9.61 -5.57
C GLY C 8 1.43 9.56 -4.98
N LYS C 9 2.00 8.36 -4.89
CA LYS C 9 3.35 8.16 -4.41
C LYS C 9 4.06 7.44 -5.55
N ILE C 10 4.91 8.20 -6.24
CA ILE C 10 5.64 7.71 -7.38
C ILE C 10 6.97 7.05 -7.14
N TYR C 11 7.19 5.94 -7.84
CA TYR C 11 8.47 5.28 -7.80
C TYR C 11 8.99 5.60 -9.20
N LEU C 12 9.93 6.52 -9.31
CA LEU C 12 10.48 6.91 -10.60
C LEU C 12 11.66 6.03 -10.99
N GLY C 13 11.41 5.09 -11.89
CA GLY C 13 12.47 4.19 -12.33
C GLY C 13 13.11 4.72 -13.59
N SER C 14 14.42 4.55 -13.70
CA SER C 14 15.11 5.05 -14.88
C SER C 14 16.59 4.75 -14.90
N PRO C 15 17.14 4.51 -16.09
CA PRO C 15 18.57 4.23 -16.23
C PRO C 15 19.25 5.56 -15.92
N PHE C 16 20.54 5.53 -15.58
CA PHE C 16 21.23 6.77 -15.27
C PHE C 16 22.63 6.77 -15.89
N TYR C 17 23.49 7.67 -15.43
CA TYR C 17 24.85 7.79 -15.94
C TYR C 17 24.87 8.44 -17.32
N SER C 18 24.20 7.81 -18.28
CA SER C 18 24.15 8.34 -19.64
C SER C 18 23.62 9.77 -19.62
N ASP C 19 24.27 10.64 -20.38
CA ASP C 19 23.89 12.04 -20.46
C ASP C 19 22.41 12.27 -20.77
N ALA C 20 21.91 11.62 -21.81
CA ALA C 20 20.52 11.78 -22.20
C ALA C 20 19.56 11.28 -21.12
N GLN C 21 19.88 10.12 -20.54
CA GLN C 21 19.05 9.51 -19.50
C GLN C 21 18.95 10.40 -18.27
N ARG C 22 20.06 11.02 -17.88
CA ARG C 22 20.05 11.90 -16.72
C ARG C 22 19.17 13.09 -17.02
N GLU C 23 19.22 13.55 -18.27
CA GLU C 23 18.41 14.68 -18.71
C GLU C 23 16.93 14.38 -18.49
N ARG C 24 16.51 13.21 -18.95
CA ARG C 24 15.11 12.80 -18.83
C ARG C 24 14.65 12.80 -17.37
N ALA C 25 15.37 12.08 -16.52
CA ALA C 25 15.03 12.00 -15.10
C ALA C 25 14.85 13.39 -14.51
N ALA C 26 15.80 14.28 -14.82
CA ALA C 26 15.76 15.64 -14.32
C ALA C 26 14.48 16.35 -14.77
N LYS C 27 14.12 16.15 -16.03
CA LYS C 27 12.91 16.77 -16.57
C LYS C 27 11.66 16.09 -16.01
N ALA C 28 11.76 14.79 -15.78
CA ALA C 28 10.64 14.04 -15.23
C ALA C 28 10.30 14.58 -13.85
N LYS C 29 11.34 14.83 -13.04
CA LYS C 29 11.13 15.36 -11.71
C LYS C 29 10.40 16.69 -11.75
N GLU C 30 10.90 17.60 -12.57
CA GLU C 30 10.27 18.92 -12.72
C GLU C 30 8.80 18.75 -13.05
N LEU C 31 8.51 17.95 -14.07
CA LEU C 31 7.13 17.71 -14.49
C LEU C 31 6.26 17.15 -13.35
N LEU C 32 6.78 16.14 -12.65
CA LEU C 32 6.02 15.52 -11.55
C LEU C 32 5.81 16.52 -10.42
N ALA C 33 6.85 17.29 -10.11
CA ALA C 33 6.75 18.28 -9.04
C ALA C 33 5.60 19.24 -9.28
N LYS C 34 5.18 19.36 -10.54
CA LYS C 34 4.08 20.26 -10.88
C LYS C 34 2.72 19.56 -10.83
N ASN C 35 2.71 18.26 -10.54
CA ASN C 35 1.44 17.53 -10.51
C ASN C 35 0.78 17.60 -9.12
N PRO C 36 -0.44 18.15 -9.05
CA PRO C 36 -1.22 18.31 -7.82
C PRO C 36 -1.68 16.98 -7.22
N SER C 37 -1.64 15.90 -8.01
CA SER C 37 -2.08 14.60 -7.52
C SER C 37 -0.98 13.81 -6.83
N ILE C 38 0.24 14.35 -6.86
CA ILE C 38 1.39 13.68 -6.26
C ILE C 38 1.73 14.09 -4.84
N ALA C 39 1.89 13.12 -3.96
CA ALA C 39 2.21 13.38 -2.57
C ALA C 39 3.70 13.17 -2.35
N HIS C 40 4.30 12.28 -3.13
CA HIS C 40 5.72 12.01 -2.98
C HIS C 40 6.32 11.33 -4.20
N VAL C 41 7.60 11.62 -4.44
CA VAL C 41 8.32 11.05 -5.55
C VAL C 41 9.63 10.46 -5.03
N PHE C 42 9.89 9.21 -5.39
CA PHE C 42 11.13 8.55 -4.99
C PHE C 42 11.93 8.22 -6.22
N PHE C 43 13.16 8.70 -6.26
CA PHE C 43 14.07 8.43 -7.37
C PHE C 43 15.28 7.77 -6.72
N PRO C 44 15.51 6.49 -7.02
CA PRO C 44 16.61 5.67 -6.50
C PRO C 44 18.02 6.23 -6.50
N PHE C 45 18.37 7.01 -7.52
CA PHE C 45 19.73 7.53 -7.58
C PHE C 45 20.01 8.76 -6.73
N ASP C 46 18.96 9.43 -6.25
CA ASP C 46 19.16 10.62 -5.44
C ASP C 46 20.11 10.42 -4.28
N ASP C 47 19.58 9.99 -3.13
CA ASP C 47 20.43 9.76 -1.98
C ASP C 47 20.94 8.33 -2.02
N GLY C 48 22.01 8.07 -1.28
CA GLY C 48 22.58 6.74 -1.27
C GLY C 48 23.00 6.28 0.11
N PHE C 49 23.43 5.02 0.19
CA PHE C 49 23.87 4.43 1.43
C PHE C 49 25.39 4.38 1.41
N THR C 50 26.02 4.78 2.51
CA THR C 50 27.47 4.77 2.59
C THR C 50 27.93 3.70 3.56
N ASP C 51 28.75 2.79 3.07
CA ASP C 51 29.29 1.71 3.88
C ASP C 51 30.66 2.18 4.39
N PRO C 52 30.71 2.74 5.61
CA PRO C 52 31.95 3.23 6.22
C PRO C 52 33.09 2.22 6.13
N ASP C 53 32.75 0.97 5.82
CA ASP C 53 33.73 -0.09 5.71
C ASP C 53 34.15 -0.30 4.25
N GLU C 54 33.84 0.68 3.40
CA GLU C 54 34.18 0.59 1.99
C GLU C 54 35.30 1.57 1.64
N LYS C 55 36.50 1.03 1.41
CA LYS C 55 37.67 1.83 1.09
C LYS C 55 37.44 2.81 -0.05
N ASN C 56 37.65 2.35 -1.29
CA ASN C 56 37.46 3.18 -2.46
C ASN C 56 36.25 2.72 -3.26
N PRO C 57 35.04 3.14 -2.83
CA PRO C 57 33.78 2.77 -3.49
C PRO C 57 33.80 2.99 -5.00
N GLU C 58 33.94 1.90 -5.75
CA GLU C 58 33.96 1.97 -7.20
C GLU C 58 32.53 1.97 -7.73
N ILE C 59 32.11 3.10 -8.29
CA ILE C 59 30.75 3.24 -8.83
C ILE C 59 30.59 2.40 -10.09
N GLY C 60 30.97 1.13 -10.00
CA GLY C 60 30.87 0.22 -11.13
C GLY C 60 31.74 -0.98 -10.82
N GLY C 61 32.50 -0.87 -9.72
CA GLY C 61 33.38 -1.93 -9.29
C GLY C 61 32.63 -3.02 -8.56
N ILE C 62 33.37 -3.89 -7.87
CA ILE C 62 32.76 -4.99 -7.14
C ILE C 62 31.71 -4.55 -6.12
N ARG C 63 32.11 -3.68 -5.21
CA ARG C 63 31.21 -3.15 -4.16
C ARG C 63 30.80 -4.17 -3.10
N SER C 64 30.86 -3.75 -1.84
CA SER C 64 30.53 -4.63 -0.73
C SER C 64 29.09 -5.13 -0.71
N MET C 65 28.91 -6.31 -0.12
CA MET C 65 27.59 -6.92 -0.01
C MET C 65 26.70 -6.06 0.89
N VAL C 66 27.32 -5.37 1.84
CA VAL C 66 26.58 -4.50 2.74
C VAL C 66 25.95 -3.36 1.97
N TRP C 67 26.71 -2.74 1.09
CA TRP C 67 26.22 -1.63 0.28
C TRP C 67 25.17 -2.12 -0.71
N ARG C 68 25.42 -3.29 -1.29
CA ARG C 68 24.51 -3.88 -2.26
C ARG C 68 23.16 -4.17 -1.62
N ASP C 69 23.18 -4.85 -0.48
CA ASP C 69 21.93 -5.16 0.23
C ASP C 69 21.17 -3.89 0.58
N ALA C 70 21.86 -2.96 1.22
CA ALA C 70 21.25 -1.71 1.64
C ALA C 70 20.72 -0.87 0.47
N THR C 71 21.42 -0.90 -0.64
CA THR C 71 21.00 -0.12 -1.80
C THR C 71 19.80 -0.78 -2.49
N TYR C 72 19.89 -2.09 -2.68
CA TYR C 72 18.82 -2.86 -3.30
C TYR C 72 17.54 -2.70 -2.48
N GLN C 73 17.67 -2.80 -1.16
CA GLN C 73 16.52 -2.69 -0.27
C GLN C 73 15.93 -1.28 -0.30
N ASN C 74 16.76 -0.27 -0.49
CA ASN C 74 16.22 1.08 -0.55
C ASN C 74 15.30 1.17 -1.75
N ASP C 75 15.61 0.40 -2.79
CA ASP C 75 14.80 0.41 -4.00
C ASP C 75 13.50 -0.37 -3.77
N LEU C 76 13.59 -1.54 -3.15
CA LEU C 76 12.39 -2.32 -2.89
C LEU C 76 11.47 -1.57 -1.93
N THR C 77 12.08 -0.80 -1.03
CA THR C 77 11.32 -0.01 -0.07
C THR C 77 10.57 1.10 -0.82
N GLY C 78 11.20 1.68 -1.83
CA GLY C 78 10.54 2.72 -2.61
C GLY C 78 9.38 2.12 -3.39
N ILE C 79 9.57 0.90 -3.86
CA ILE C 79 8.53 0.21 -4.59
C ILE C 79 7.38 -0.11 -3.63
N SER C 80 7.74 -0.54 -2.43
CA SER C 80 6.74 -0.89 -1.40
C SER C 80 5.86 0.28 -1.02
N ASN C 81 6.48 1.43 -0.81
CA ASN C 81 5.75 2.64 -0.43
C ASN C 81 4.96 3.28 -1.56
N ALA C 82 5.46 3.14 -2.78
CA ALA C 82 4.80 3.73 -3.94
C ALA C 82 3.40 3.18 -4.23
N THR C 83 2.57 4.01 -4.84
CA THR C 83 1.23 3.62 -5.24
C THR C 83 1.30 3.25 -6.71
N CYS C 84 2.35 3.73 -7.38
CA CYS C 84 2.53 3.44 -8.80
C CYS C 84 3.95 3.69 -9.24
N GLY C 85 4.32 3.11 -10.38
CA GLY C 85 5.66 3.30 -10.91
C GLY C 85 5.60 4.11 -12.20
N VAL C 86 6.60 4.95 -12.42
CA VAL C 86 6.70 5.75 -13.64
C VAL C 86 8.09 5.44 -14.14
N PHE C 87 8.18 4.76 -15.28
CA PHE C 87 9.47 4.36 -15.82
C PHE C 87 9.90 5.08 -17.11
N LEU C 88 11.01 5.80 -17.01
CA LEU C 88 11.59 6.52 -18.15
C LEU C 88 12.32 5.41 -18.91
N TYR C 89 11.57 4.74 -19.78
CA TYR C 89 12.07 3.60 -20.53
C TYR C 89 12.83 3.90 -21.82
N ASP C 90 14.10 3.55 -21.83
CA ASP C 90 14.96 3.78 -22.99
C ASP C 90 14.77 2.63 -23.96
N MET C 91 14.14 2.91 -25.10
CA MET C 91 13.92 1.89 -26.10
C MET C 91 15.16 1.58 -26.93
N ASP C 92 16.18 2.44 -26.87
CA ASP C 92 17.41 2.22 -27.64
C ASP C 92 18.40 1.34 -26.88
N GLN C 93 18.53 1.59 -25.58
CA GLN C 93 19.42 0.80 -24.74
C GLN C 93 18.60 0.28 -23.58
N LEU C 94 18.04 -0.92 -23.76
CA LEU C 94 17.20 -1.55 -22.76
C LEU C 94 17.88 -1.73 -21.40
N ASP C 95 17.22 -1.23 -20.36
CA ASP C 95 17.76 -1.34 -19.02
C ASP C 95 17.07 -2.46 -18.25
N ASP C 96 17.80 -3.53 -17.96
CA ASP C 96 17.22 -4.64 -17.24
C ASP C 96 16.83 -4.31 -15.80
N GLY C 97 17.51 -3.33 -15.21
CA GLY C 97 17.17 -2.94 -13.86
C GLY C 97 15.74 -2.42 -13.84
N SER C 98 15.41 -1.59 -14.83
CA SER C 98 14.06 -1.02 -14.95
C SER C 98 13.01 -2.09 -15.20
N ALA C 99 13.36 -3.06 -16.06
CA ALA C 99 12.45 -4.14 -16.39
C ALA C 99 12.16 -5.00 -15.15
N PHE C 100 13.22 -5.27 -14.37
CA PHE C 100 13.08 -6.07 -13.16
C PHE C 100 12.00 -5.50 -12.25
N GLU C 101 12.09 -4.20 -11.97
CA GLU C 101 11.13 -3.58 -11.09
C GLU C 101 9.74 -3.40 -11.67
N ILE C 102 9.65 -3.38 -12.99
CA ILE C 102 8.34 -3.29 -13.61
C ILE C 102 7.64 -4.60 -13.25
N GLY C 103 8.32 -5.72 -13.48
CA GLY C 103 7.74 -7.01 -13.17
C GLY C 103 7.46 -7.19 -11.69
N PHE C 104 8.35 -6.65 -10.87
CA PHE C 104 8.24 -6.72 -9.41
C PHE C 104 6.98 -5.94 -8.99
N MET C 105 6.79 -4.77 -9.60
CA MET C 105 5.62 -3.95 -9.27
C MET C 105 4.32 -4.58 -9.79
N ARG C 106 4.36 -5.17 -10.96
CA ARG C 106 3.16 -5.80 -11.47
C ARG C 106 2.79 -7.02 -10.63
N ALA C 107 3.79 -7.73 -10.11
CA ALA C 107 3.50 -8.90 -9.28
C ALA C 107 2.78 -8.45 -8.01
N MET C 108 3.05 -7.21 -7.61
CA MET C 108 2.41 -6.66 -6.43
C MET C 108 1.07 -6.03 -6.80
N HIS C 109 0.68 -6.15 -8.07
CA HIS C 109 -0.57 -5.60 -8.58
C HIS C 109 -0.62 -4.08 -8.64
N LYS C 110 0.54 -3.42 -8.58
CA LYS C 110 0.54 -1.96 -8.66
C LYS C 110 0.57 -1.46 -10.10
N PRO C 111 -0.03 -0.30 -10.35
CA PRO C 111 -0.02 0.23 -11.72
C PRO C 111 1.38 0.69 -12.14
N VAL C 112 1.70 0.53 -13.42
CA VAL C 112 2.99 0.96 -13.95
C VAL C 112 2.78 1.84 -15.18
N ILE C 113 3.34 3.05 -15.14
CA ILE C 113 3.24 3.99 -16.26
C ILE C 113 4.57 3.90 -17.03
N LEU C 114 4.52 3.46 -18.28
CA LEU C 114 5.72 3.35 -19.09
C LEU C 114 5.87 4.61 -19.93
N VAL C 115 7.05 5.21 -19.90
CA VAL C 115 7.33 6.42 -20.67
C VAL C 115 8.51 6.11 -21.60
N PRO C 116 8.22 5.51 -22.76
CA PRO C 116 9.28 5.15 -23.71
C PRO C 116 9.94 6.34 -24.41
N PHE C 117 11.24 6.23 -24.61
CA PHE C 117 12.06 7.24 -25.29
C PHE C 117 12.92 6.52 -26.31
N THR C 118 13.06 7.11 -27.48
CA THR C 118 13.93 6.55 -28.52
C THR C 118 14.53 7.70 -29.32
N GLU C 119 15.81 7.56 -29.65
CA GLU C 119 16.52 8.57 -30.42
C GLU C 119 16.51 8.15 -31.88
N HIS C 120 15.81 7.07 -32.19
CA HIS C 120 15.72 6.58 -33.55
C HIS C 120 14.30 6.26 -33.95
N PRO C 121 13.47 7.29 -34.14
CA PRO C 121 12.06 7.16 -34.53
C PRO C 121 11.92 6.47 -35.88
N GLU C 122 12.98 6.51 -36.67
CA GLU C 122 12.95 5.88 -37.99
C GLU C 122 13.02 4.37 -37.86
N LYS C 123 13.45 3.89 -36.69
CA LYS C 123 13.57 2.46 -36.48
C LYS C 123 12.26 1.77 -36.11
N GLU C 124 12.24 0.45 -36.24
CA GLU C 124 11.08 -0.36 -35.95
C GLU C 124 10.49 -0.07 -34.57
N LYS C 125 9.16 -0.10 -34.48
CA LYS C 125 8.46 0.11 -33.22
C LYS C 125 8.12 -1.28 -32.74
N LYS C 126 8.95 -1.81 -31.85
CA LYS C 126 8.76 -3.16 -31.32
C LYS C 126 9.00 -3.14 -29.82
N MET C 127 8.25 -3.97 -29.10
CA MET C 127 8.36 -4.04 -27.66
C MET C 127 8.23 -5.48 -27.20
N ASN C 128 8.90 -5.82 -26.11
CA ASN C 128 8.82 -7.19 -25.59
C ASN C 128 7.41 -7.39 -25.04
N LEU C 129 6.82 -8.55 -25.30
CA LEU C 129 5.46 -8.83 -24.82
C LEU C 129 5.26 -8.58 -23.32
N MET C 130 6.20 -9.02 -22.49
CA MET C 130 6.08 -8.85 -21.05
C MET C 130 5.95 -7.38 -20.68
N ILE C 131 6.68 -6.51 -21.38
CA ILE C 131 6.60 -5.09 -21.09
C ILE C 131 5.28 -4.51 -21.63
N ALA C 132 4.99 -4.82 -22.89
CA ALA C 132 3.78 -4.34 -23.56
C ALA C 132 2.50 -4.71 -22.83
N GLN C 133 2.45 -5.92 -22.28
CA GLN C 133 1.26 -6.38 -21.57
C GLN C 133 1.35 -6.09 -20.06
N GLY C 134 2.55 -6.13 -19.50
CA GLY C 134 2.70 -5.87 -18.07
C GLY C 134 2.34 -4.45 -17.67
N VAL C 135 2.70 -3.50 -18.52
CA VAL C 135 2.43 -2.08 -18.27
C VAL C 135 0.93 -1.79 -18.34
N THR C 136 0.45 -0.87 -17.51
CA THR C 136 -0.97 -0.56 -17.47
C THR C 136 -1.32 0.73 -18.17
N THR C 137 -0.33 1.61 -18.30
CA THR C 137 -0.53 2.91 -18.96
C THR C 137 0.75 3.34 -19.68
N ILE C 138 0.61 3.78 -20.92
CA ILE C 138 1.78 4.24 -21.66
C ILE C 138 1.63 5.73 -21.99
N ILE C 139 2.74 6.44 -21.87
CA ILE C 139 2.79 7.87 -22.17
C ILE C 139 4.09 8.06 -22.91
N ASP C 140 3.99 8.26 -24.23
CA ASP C 140 5.16 8.43 -25.08
C ASP C 140 6.07 9.53 -24.54
N GLY C 141 7.30 9.16 -24.22
CA GLY C 141 8.25 10.12 -23.70
C GLY C 141 8.65 11.15 -24.74
N ASN C 142 8.73 10.71 -26.00
CA ASN C 142 9.12 11.61 -27.07
C ASN C 142 8.06 12.60 -27.51
N THR C 143 6.80 12.31 -27.24
CA THR C 143 5.72 13.20 -27.68
C THR C 143 4.73 13.69 -26.63
N GLU C 144 4.58 12.94 -25.54
CA GLU C 144 3.61 13.33 -24.51
C GLU C 144 4.26 13.47 -23.14
N PHE C 145 5.57 13.59 -23.12
CA PHE C 145 6.32 13.70 -21.87
C PHE C 145 5.69 14.68 -20.89
N GLU C 146 5.08 15.75 -21.41
CA GLU C 146 4.46 16.76 -20.58
C GLU C 146 3.22 16.28 -19.84
N LYS C 147 2.60 15.22 -20.32
CA LYS C 147 1.41 14.72 -19.67
C LYS C 147 1.65 14.31 -18.22
N LEU C 148 2.90 14.03 -17.87
CA LEU C 148 3.25 13.66 -16.50
C LEU C 148 2.83 14.69 -15.47
N ALA C 149 2.59 15.91 -15.92
CA ALA C 149 2.20 16.99 -15.01
C ALA C 149 0.70 17.08 -14.83
N ASP C 150 -0.05 16.50 -15.75
CA ASP C 150 -1.53 16.53 -15.70
C ASP C 150 -2.13 15.19 -15.29
N TYR C 151 -1.40 14.10 -15.51
CA TYR C 151 -1.89 12.76 -15.19
C TYR C 151 -2.39 12.61 -13.75
N ASN C 152 -3.58 12.03 -13.59
CA ASN C 152 -4.15 11.84 -12.27
C ASN C 152 -3.54 10.63 -11.55
N PHE C 153 -2.55 10.87 -10.71
CA PHE C 153 -1.92 9.79 -9.98
C PHE C 153 -2.72 9.31 -8.77
N ASN C 154 -3.93 9.85 -8.59
CA ASN C 154 -4.76 9.42 -7.48
C ASN C 154 -5.56 8.20 -7.94
N GLU C 155 -5.64 8.01 -9.25
CA GLU C 155 -6.41 6.90 -9.79
C GLU C 155 -5.69 6.14 -10.91
N CYS C 156 -4.65 6.74 -11.46
CA CYS C 156 -3.87 6.12 -12.53
C CYS C 156 -4.69 5.40 -13.59
N PRO C 157 -5.49 6.14 -14.38
CA PRO C 157 -6.30 5.49 -15.42
C PRO C 157 -5.39 4.76 -16.40
N SER C 158 -5.78 3.56 -16.79
CA SER C 158 -4.95 2.78 -17.70
C SER C 158 -5.03 3.22 -19.16
N ASN C 159 -4.01 2.82 -19.91
CA ASN C 159 -3.92 3.14 -21.33
C ASN C 159 -3.01 2.09 -21.92
N PRO C 160 -3.59 0.96 -22.35
CA PRO C 160 -2.87 -0.17 -22.94
C PRO C 160 -1.91 0.20 -24.06
N VAL C 161 -0.77 -0.49 -24.10
CA VAL C 161 0.22 -0.25 -25.13
C VAL C 161 -0.39 -0.76 -26.45
N ARG C 162 -0.25 0.04 -27.50
CA ARG C 162 -0.78 -0.32 -28.81
C ARG C 162 0.12 0.35 -29.85
N GLY C 163 0.13 -0.21 -31.07
CA GLY C 163 0.94 0.38 -32.12
C GLY C 163 2.39 -0.07 -32.15
N TYR C 164 2.72 -1.06 -31.31
CA TYR C 164 4.07 -1.59 -31.25
C TYR C 164 4.08 -3.04 -31.70
N GLY C 165 5.04 -3.39 -32.54
CA GLY C 165 5.15 -4.78 -32.96
C GLY C 165 5.52 -5.54 -31.69
N ILE C 166 5.13 -6.80 -31.58
CA ILE C 166 5.45 -7.53 -30.37
C ILE C 166 6.27 -8.79 -30.58
N TYR C 167 7.31 -8.93 -29.78
CA TYR C 167 8.19 -10.09 -29.87
C TYR C 167 8.44 -10.70 -28.48
O5' SNI D . 3.41 -9.21 21.33
C5' SNI D . 2.81 -7.97 21.04
C4' SNI D . 2.38 -7.83 19.62
O4' SNI D . 1.36 -8.79 19.25
C1' SNI D . 0.02 -8.17 19.02
N9 SNI D . -0.85 -8.51 20.17
C4 SNI D . -2.03 -7.87 20.58
N3 SNI D . -2.74 -6.82 19.94
C2 SNI D . -3.86 -6.37 20.63
N1 SNI D . -4.30 -6.95 21.82
C6 SNI D . -3.67 -8.07 22.47
SE SNI D . -4.16 -8.52 23.56
C5 SNI D . -2.45 -8.51 21.77
N7 SNI D . -1.58 -9.52 22.08
C8 SNI D . -0.59 -9.53 21.08
C2' SNI D . 0.47 -6.69 18.68
O2' SNI D . 0.42 -6.49 17.28
C3' SNI D . 1.87 -6.46 19.29
O3' SNI D . 2.74 -5.93 18.29
O5' SNI E . -19.91 -6.27 -10.37
C5' SNI E . -19.63 -5.21 -9.46
C4' SNI E . -18.14 -4.79 -9.55
O4' SNI E . -17.40 -5.07 -10.54
C1' SNI E . -16.85 -4.09 -11.46
N9 SNI E . -17.24 -3.91 -12.86
C4 SNI E . -16.94 -2.90 -13.78
N3 SNI E . -16.11 -1.80 -13.58
C2 SNI E . -15.98 -0.94 -14.65
N1 SNI E . -16.69 -1.16 -15.84
C6 SNI E . -17.56 -2.26 -16.10
SE SNI E . -18.16 -2.34 -17.19
C5 SNI E . -17.64 -3.19 -14.96
N7 SNI E . -18.33 -4.38 -14.80
C8 SNI E . -18.06 -4.82 -13.53
C2' SNI E . -16.84 -2.92 -10.43
O2' SNI E . -15.51 -2.69 -9.93
C3' SNI E . -17.89 -3.28 -9.33
O3' SNI E . -17.37 -3.13 -7.96
O5' SNI F . 15.10 -0.30 -8.01
C5' SNI F . 15.82 -0.47 -9.23
C4' SNI F . 16.34 0.86 -9.74
O4' SNI F . 17.58 1.12 -9.10
C1' SNI F . 18.45 1.87 -9.95
N9 SNI F . 19.76 1.72 -9.32
C4 SNI F . 20.92 1.10 -9.78
N3 SNI F . 21.11 0.37 -10.94
C2 SNI F . 22.38 -0.08 -11.20
N1 SNI F . 23.45 0.25 -10.35
C6 SNI F . 23.31 1.02 -9.14
SE SNI F . 24.33 1.29 -8.50
C5 SNI F . 21.93 1.41 -8.85
N7 SNI F . 21.39 2.08 -7.77
C8 SNI F . 20.04 2.27 -8.05
C2' SNI F . 18.08 1.31 -11.35
O2' SNI F . 18.27 2.33 -12.37
C3' SNI F . 16.61 0.86 -11.25
O3' SNI F . 15.72 1.83 -11.85
#